data_3OYR
#
_entry.id   3OYR
#
_cell.length_a   72.894
_cell.length_b   72.438
_cell.length_c   125.854
_cell.angle_alpha   90.00
_cell.angle_beta   90.00
_cell.angle_gamma   90.00
#
_symmetry.space_group_name_H-M   'P 21 21 21'
#
loop_
_entity.id
_entity.type
_entity.pdbx_description
1 polymer 'Trans-isoprenyl diphosphate synthase'
2 non-polymer 'PYROPHOSPHATE 2-'
3 non-polymer 'DIMETHYLALLYL DIPHOSPHATE'
4 non-polymer 'CALCIUM ION'
5 water water
#
_entity_poly.entity_id   1
_entity_poly.type   'polypeptide(L)'
_entity_poly.pdbx_seq_one_letter_code
;MAHHHHHHSLDAAAATLPRKSGSVDRLVRLAEADMAGVNRLITDRMQSDVAIIPALAEHLIAAGGKRLRPLMTVAAARLA
GADNDHFQKLAAAVEFIHTATLLHDDVVDGSQLRRGKVAAHLIWGGAQSVLVGDFLFARAFELMVETNSMKALEILARAS
RVIAEGEVLQLMRSHDLNLSQAVYLEIIQAKTAELFAAASEAGAVSAGVDVAKSEALRDYGLNLGLAFQLADDALDYGGA
TETLGKNAGDDFREGKATLPLLLAIARSGPREAEFWERAIGRREQTEADFRRARELIIGSGALDATLDLAADYADKAKAA
LAMFPANDWREALEELADFAVSRRA
;
_entity_poly.pdbx_strand_id   A,B
#
# COMPACT_ATOMS: atom_id res chain seq x y z
N LYS A 20 -41.52 2.92 1.99
CA LYS A 20 -41.08 2.10 0.81
C LYS A 20 -39.74 1.43 1.15
N SER A 21 -39.81 0.14 1.45
CA SER A 21 -38.72 -0.53 2.18
C SER A 21 -37.54 -1.06 1.36
N GLY A 22 -37.86 -1.79 0.30
CA GLY A 22 -36.84 -2.49 -0.45
C GLY A 22 -36.21 -3.61 0.35
N SER A 23 -35.03 -4.03 -0.09
CA SER A 23 -34.31 -5.13 0.53
C SER A 23 -32.86 -5.10 0.08
N VAL A 24 -32.04 -5.85 0.80
CA VAL A 24 -30.70 -6.19 0.34
C VAL A 24 -30.76 -7.65 -0.16
N ASP A 25 -31.77 -8.37 0.34
CA ASP A 25 -31.94 -9.80 0.11
C ASP A 25 -32.26 -10.20 -1.33
N ARG A 26 -32.92 -9.32 -2.08
CA ARG A 26 -33.29 -9.66 -3.46
C ARG A 26 -32.06 -9.79 -4.39
N LEU A 27 -31.12 -8.85 -4.26
CA LEU A 27 -29.88 -8.86 -5.04
C LEU A 27 -28.97 -10.03 -4.64
N VAL A 28 -28.81 -10.23 -3.33
CA VAL A 28 -28.07 -11.37 -2.76
C VAL A 28 -28.48 -12.69 -3.42
N ARG A 29 -29.79 -12.97 -3.47
CA ARG A 29 -30.30 -14.19 -4.11
CA ARG A 29 -30.31 -14.18 -4.12
C ARG A 29 -30.03 -14.24 -5.61
N LEU A 30 -30.13 -13.09 -6.29
CA LEU A 30 -29.89 -13.03 -7.74
C LEU A 30 -28.43 -13.27 -8.09
N ALA A 31 -27.56 -12.82 -7.20
CA ALA A 31 -26.12 -12.87 -7.42
C ALA A 31 -25.45 -14.11 -6.82
N GLU A 32 -26.25 -15.13 -6.47
CA GLU A 32 -25.78 -16.41 -5.89
C GLU A 32 -24.71 -17.16 -6.69
N ALA A 33 -25.03 -17.54 -7.92
CA ALA A 33 -24.11 -18.28 -8.79
C ALA A 33 -22.82 -17.50 -9.11
N ASP A 34 -22.94 -16.18 -9.18
CA ASP A 34 -21.77 -15.34 -9.42
C ASP A 34 -20.91 -15.19 -8.19
N MET A 35 -21.55 -14.98 -7.04
CA MET A 35 -20.83 -14.78 -5.77
C MET A 35 -20.10 -15.99 -5.23
N ALA A 36 -20.42 -17.18 -5.73
CA ALA A 36 -19.73 -18.39 -5.34
C ALA A 36 -18.36 -18.42 -6.00
N GLY A 37 -18.31 -18.09 -7.29
CA GLY A 37 -17.06 -17.92 -8.02
C GLY A 37 -16.19 -16.77 -7.50
N VAL A 38 -16.82 -15.72 -6.98
CA VAL A 38 -16.12 -14.56 -6.41
C VAL A 38 -15.48 -14.97 -5.09
N ASN A 39 -16.27 -15.65 -4.26
CA ASN A 39 -15.79 -16.16 -2.98
C ASN A 39 -14.70 -17.22 -3.10
N ARG A 40 -14.75 -18.04 -4.16
CA ARG A 40 -13.66 -18.98 -4.41
CA ARG A 40 -13.68 -18.98 -4.53
C ARG A 40 -12.37 -18.21 -4.79
N LEU A 41 -12.49 -17.17 -5.62
CA LEU A 41 -11.34 -16.32 -5.97
C LEU A 41 -10.81 -15.58 -4.74
N ILE A 42 -11.73 -15.11 -3.91
CA ILE A 42 -11.37 -14.43 -2.66
C ILE A 42 -10.55 -15.36 -1.76
N THR A 43 -11.04 -16.59 -1.57
CA THR A 43 -10.33 -17.59 -0.75
C THR A 43 -8.99 -18.00 -1.35
N ASP A 44 -8.95 -18.24 -2.66
CA ASP A 44 -7.72 -18.67 -3.30
C ASP A 44 -6.63 -17.59 -3.33
N ARG A 45 -7.00 -16.34 -3.63
CA ARG A 45 -6.00 -15.29 -3.78
C ARG A 45 -5.49 -14.72 -2.46
N MET A 46 -6.19 -14.98 -1.36
CA MET A 46 -5.71 -14.52 -0.05
C MET A 46 -4.64 -15.44 0.55
N GLN A 47 -4.43 -16.58 -0.11
CA GLN A 47 -3.48 -17.60 0.33
C GLN A 47 -2.05 -17.12 0.15
N SER A 48 -1.18 -17.58 1.05
CA SER A 48 0.25 -17.31 0.96
C SER A 48 1.00 -18.47 1.59
N ASP A 49 2.26 -18.66 1.21
CA ASP A 49 3.18 -19.55 1.94
CA ASP A 49 3.10 -19.59 1.96
C ASP A 49 3.49 -19.03 3.34
N VAL A 50 3.17 -17.76 3.57
CA VAL A 50 3.31 -17.13 4.88
C VAL A 50 1.95 -17.24 5.60
N ALA A 51 1.89 -18.18 6.55
CA ALA A 51 0.62 -18.73 7.03
C ALA A 51 -0.31 -17.75 7.71
N ILE A 52 0.24 -16.76 8.40
CA ILE A 52 -0.61 -15.85 9.18
C ILE A 52 -1.36 -14.84 8.30
N ILE A 53 -0.91 -14.66 7.06
CA ILE A 53 -1.60 -13.78 6.12
C ILE A 53 -3.04 -14.26 5.81
N PRO A 54 -3.23 -15.49 5.27
CA PRO A 54 -4.62 -15.92 5.11
C PRO A 54 -5.39 -16.10 6.43
N ALA A 55 -4.71 -16.47 7.51
CA ALA A 55 -5.38 -16.58 8.81
C ALA A 55 -5.96 -15.24 9.27
N LEU A 56 -5.20 -14.16 9.12
CA LEU A 56 -5.65 -12.84 9.56
C LEU A 56 -6.68 -12.22 8.60
N ALA A 57 -6.50 -12.49 7.30
CA ALA A 57 -7.42 -12.01 6.28
C ALA A 57 -8.82 -12.65 6.38
N GLU A 58 -8.87 -13.95 6.64
CA GLU A 58 -10.17 -14.67 6.67
C GLU A 58 -11.06 -14.23 7.83
N HIS A 59 -10.42 -13.76 8.91
CA HIS A 59 -11.05 -13.21 10.10
C HIS A 59 -11.92 -12.01 9.74
N LEU A 60 -11.41 -11.14 8.86
CA LEU A 60 -12.14 -9.96 8.44
C LEU A 60 -13.10 -10.27 7.31
N ILE A 61 -12.66 -11.15 6.41
CA ILE A 61 -13.42 -11.42 5.20
C ILE A 61 -14.67 -12.27 5.47
N ALA A 62 -14.49 -13.51 5.93
CA ALA A 62 -15.60 -14.45 6.17
C ALA A 62 -16.58 -13.95 7.26
N ALA A 63 -16.05 -13.24 8.25
CA ALA A 63 -16.86 -12.59 9.29
C ALA A 63 -17.14 -11.11 8.95
N GLY A 64 -17.66 -10.88 7.75
CA GLY A 64 -18.20 -9.59 7.33
C GLY A 64 -19.63 -9.82 6.84
N GLY A 65 -19.83 -10.96 6.18
CA GLY A 65 -21.16 -11.44 5.83
C GLY A 65 -21.76 -10.88 4.56
N LYS A 66 -21.94 -9.56 4.54
CA LYS A 66 -22.78 -8.87 3.53
C LYS A 66 -22.23 -8.81 2.09
N ARG A 67 -20.95 -8.47 1.94
CA ARG A 67 -20.23 -8.36 0.64
C ARG A 67 -20.84 -7.38 -0.36
N LEU A 68 -21.25 -6.19 0.12
CA LEU A 68 -21.98 -5.22 -0.69
C LEU A 68 -21.17 -4.70 -1.86
N ARG A 69 -19.92 -4.36 -1.59
CA ARG A 69 -19.05 -3.80 -2.60
C ARG A 69 -18.81 -4.75 -3.81
N PRO A 70 -18.47 -6.05 -3.57
CA PRO A 70 -18.37 -6.99 -4.73
C PRO A 70 -19.70 -7.24 -5.43
N LEU A 71 -20.80 -7.17 -4.68
CA LEU A 71 -22.14 -7.24 -5.26
C LEU A 71 -22.36 -6.15 -6.30
N MET A 72 -21.90 -4.92 -6.00
CA MET A 72 -21.95 -3.78 -6.95
CA MET A 72 -22.00 -3.81 -6.95
C MET A 72 -21.39 -4.19 -8.29
N THR A 73 -20.18 -4.76 -8.26
CA THR A 73 -19.45 -5.17 -9.46
C THR A 73 -20.20 -6.28 -10.20
N VAL A 74 -20.72 -7.25 -9.46
CA VAL A 74 -21.49 -8.36 -10.07
C VAL A 74 -22.76 -7.82 -10.74
N ALA A 75 -23.51 -7.06 -9.97
CA ALA A 75 -24.77 -6.45 -10.38
C ALA A 75 -24.58 -5.52 -11.59
N ALA A 76 -23.56 -4.65 -11.53
CA ALA A 76 -23.30 -3.73 -12.64
C ALA A 76 -22.92 -4.47 -13.91
N ALA A 77 -22.09 -5.51 -13.80
CA ALA A 77 -21.68 -6.26 -14.99
C ALA A 77 -22.86 -7.03 -15.57
N ARG A 78 -23.70 -7.56 -14.69
CA ARG A 78 -24.87 -8.29 -15.15
C ARG A 78 -25.94 -7.41 -15.81
N LEU A 79 -26.26 -6.27 -15.19
CA LEU A 79 -27.16 -5.27 -15.78
C LEU A 79 -26.64 -4.71 -17.11
N ALA A 80 -25.32 -4.59 -17.22
CA ALA A 80 -24.72 -4.12 -18.47
C ALA A 80 -24.54 -5.24 -19.50
N GLY A 81 -24.94 -6.46 -19.11
CA GLY A 81 -24.98 -7.60 -20.04
C GLY A 81 -23.65 -8.22 -20.40
N ALA A 82 -22.80 -8.46 -19.39
CA ALA A 82 -21.48 -9.09 -19.59
C ALA A 82 -21.59 -10.49 -20.18
N ASP A 83 -20.83 -10.72 -21.26
CA ASP A 83 -20.74 -12.06 -21.84
C ASP A 83 -19.60 -12.84 -21.18
N ASN A 84 -18.64 -12.14 -20.60
CA ASN A 84 -17.45 -12.77 -20.03
C ASN A 84 -17.42 -12.91 -18.51
N ASP A 85 -16.34 -13.50 -18.01
CA ASP A 85 -16.20 -13.90 -16.62
C ASP A 85 -15.41 -12.90 -15.78
N HIS A 86 -14.79 -11.93 -16.47
CA HIS A 86 -13.75 -11.07 -15.88
C HIS A 86 -14.19 -10.32 -14.65
N PHE A 87 -15.48 -9.99 -14.56
CA PHE A 87 -16.00 -9.19 -13.46
C PHE A 87 -15.85 -9.85 -12.10
N GLN A 88 -15.75 -11.17 -12.11
CA GLN A 88 -15.61 -11.93 -10.87
C GLN A 88 -14.27 -11.68 -10.21
N LYS A 89 -13.24 -11.54 -11.01
CA LYS A 89 -11.93 -11.17 -10.51
C LYS A 89 -11.88 -9.72 -10.01
N LEU A 90 -12.58 -8.84 -10.72
CA LEU A 90 -12.70 -7.46 -10.25
C LEU A 90 -13.49 -7.35 -8.97
N ALA A 91 -14.58 -8.14 -8.87
CA ALA A 91 -15.38 -8.21 -7.65
C ALA A 91 -14.55 -8.62 -6.45
N ALA A 92 -13.76 -9.68 -6.64
CA ALA A 92 -12.84 -10.14 -5.57
C ALA A 92 -11.80 -9.07 -5.22
N ALA A 93 -11.21 -8.44 -6.24
CA ALA A 93 -10.26 -7.35 -6.02
C ALA A 93 -10.85 -6.19 -5.23
N VAL A 94 -12.10 -5.84 -5.52
CA VAL A 94 -12.84 -4.82 -4.76
C VAL A 94 -12.92 -5.17 -3.26
N GLU A 95 -13.26 -6.42 -2.95
CA GLU A 95 -13.28 -6.86 -1.57
C GLU A 95 -11.91 -6.80 -0.92
N PHE A 96 -10.84 -7.13 -1.65
CA PHE A 96 -9.47 -6.98 -1.10
C PHE A 96 -9.14 -5.54 -0.76
N ILE A 97 -9.53 -4.62 -1.64
CA ILE A 97 -9.27 -3.19 -1.41
C ILE A 97 -10.06 -2.72 -0.21
N HIS A 98 -11.32 -3.15 -0.13
CA HIS A 98 -12.19 -2.78 0.99
C HIS A 98 -11.58 -3.28 2.31
N THR A 99 -11.13 -4.54 2.31
CA THR A 99 -10.57 -5.14 3.53
C THR A 99 -9.25 -4.49 3.92
N ALA A 100 -8.42 -4.20 2.91
CA ALA A 100 -7.17 -3.47 3.14
C ALA A 100 -7.40 -2.13 3.82
N THR A 101 -8.42 -1.39 3.38
CA THR A 101 -8.71 -0.07 3.95
C THR A 101 -9.19 -0.21 5.38
N LEU A 102 -10.01 -1.23 5.67
CA LEU A 102 -10.43 -1.52 7.05
C LEU A 102 -9.25 -1.87 7.94
N LEU A 103 -8.34 -2.70 7.44
CA LEU A 103 -7.13 -3.06 8.19
C LEU A 103 -6.25 -1.85 8.55
N HIS A 104 -6.21 -0.85 7.67
CA HIS A 104 -5.41 0.33 7.91
C HIS A 104 -6.14 1.40 8.73
N ASP A 105 -7.38 1.13 9.12
CA ASP A 105 -8.16 2.07 9.94
C ASP A 105 -8.02 1.88 11.44
N ASP A 106 -7.90 0.63 11.87
CA ASP A 106 -7.90 0.30 13.29
C ASP A 106 -6.54 0.52 13.98
N VAL A 107 -5.64 1.23 13.31
CA VAL A 107 -4.19 1.17 13.56
C VAL A 107 -3.67 2.00 14.77
N VAL A 108 -4.31 3.13 15.02
CA VAL A 108 -4.09 4.00 16.21
C VAL A 108 -2.61 4.29 16.57
N VAL A 118 -0.72 13.19 18.25
CA VAL A 118 0.22 12.27 17.61
C VAL A 118 0.24 10.92 18.32
N ALA A 119 -0.46 9.95 17.75
CA ALA A 119 -0.37 8.56 18.21
C ALA A 119 0.74 7.85 17.43
N ALA A 120 1.94 7.82 18.03
CA ALA A 120 3.16 7.37 17.36
C ALA A 120 3.24 5.87 17.11
N HIS A 121 3.24 5.09 18.19
CA HIS A 121 3.35 3.62 18.08
C HIS A 121 2.02 2.92 17.77
N LEU A 122 2.13 1.71 17.23
CA LEU A 122 0.96 0.90 16.86
C LEU A 122 0.39 0.23 18.08
N ILE A 123 -0.94 0.10 18.11
CA ILE A 123 -1.61 -0.75 19.10
C ILE A 123 -1.23 -2.21 18.84
N TRP A 124 -1.48 -3.09 19.81
CA TRP A 124 -1.19 -4.50 19.61
C TRP A 124 -1.99 -5.07 18.43
N GLY A 125 -1.31 -5.83 17.57
CA GLY A 125 -1.94 -6.32 16.35
C GLY A 125 -1.90 -5.30 15.22
N GLY A 126 -1.46 -4.08 15.52
CA GLY A 126 -1.33 -3.00 14.54
C GLY A 126 -0.36 -3.34 13.42
N ALA A 127 0.82 -3.87 13.78
CA ALA A 127 1.85 -4.23 12.82
C ALA A 127 1.37 -5.23 11.77
N GLN A 128 0.73 -6.30 12.21
CA GLN A 128 0.18 -7.28 11.25
C GLN A 128 -0.92 -6.67 10.36
N SER A 129 -1.77 -5.83 10.93
CA SER A 129 -2.81 -5.13 10.20
C SER A 129 -2.27 -4.21 9.08
N VAL A 130 -1.21 -3.47 9.37
CA VAL A 130 -0.55 -2.67 8.33
C VAL A 130 -0.10 -3.55 7.16
N LEU A 131 0.63 -4.61 7.48
CA LEU A 131 1.28 -5.41 6.45
C LEU A 131 0.33 -6.34 5.69
N VAL A 132 -0.66 -6.91 6.39
CA VAL A 132 -1.67 -7.72 5.72
C VAL A 132 -2.52 -6.82 4.81
N GLY A 133 -2.81 -5.60 5.29
CA GLY A 133 -3.38 -4.56 4.43
C GLY A 133 -2.57 -4.35 3.16
N ASP A 134 -1.26 -4.13 3.30
CA ASP A 134 -0.38 -3.99 2.12
C ASP A 134 -0.42 -5.19 1.15
N PHE A 135 -0.40 -6.40 1.73
CA PHE A 135 -0.55 -7.62 0.95
C PHE A 135 -1.84 -7.59 0.12
N LEU A 136 -2.97 -7.34 0.77
CA LEU A 136 -4.28 -7.40 0.10
C LEU A 136 -4.45 -6.34 -1.01
N PHE A 137 -3.95 -5.13 -0.73
CA PHE A 137 -3.93 -4.02 -1.68
CA PHE A 137 -3.96 -4.05 -1.70
C PHE A 137 -3.19 -4.48 -2.93
N ALA A 138 -2.01 -5.06 -2.74
CA ALA A 138 -1.21 -5.56 -3.86
C ALA A 138 -1.83 -6.75 -4.58
N ARG A 139 -2.38 -7.70 -3.82
CA ARG A 139 -3.10 -8.86 -4.38
C ARG A 139 -4.26 -8.42 -5.26
N ALA A 140 -4.97 -7.37 -4.84
CA ALA A 140 -6.10 -6.86 -5.60
C ALA A 140 -5.64 -6.46 -7.00
N PHE A 141 -4.51 -5.79 -7.07
CA PHE A 141 -4.01 -5.33 -8.34
C PHE A 141 -3.46 -6.46 -9.19
N GLU A 142 -2.85 -7.45 -8.56
CA GLU A 142 -2.48 -8.70 -9.30
C GLU A 142 -3.71 -9.39 -9.90
N LEU A 143 -4.79 -9.41 -9.13
CA LEU A 143 -6.04 -10.04 -9.54
C LEU A 143 -6.60 -9.30 -10.74
N MET A 144 -6.55 -7.97 -10.69
CA MET A 144 -6.99 -7.14 -11.79
C MET A 144 -6.15 -7.28 -13.07
N VAL A 145 -4.84 -7.46 -12.92
CA VAL A 145 -3.93 -7.76 -14.04
C VAL A 145 -4.36 -9.02 -14.78
N GLU A 146 -4.80 -10.02 -14.03
CA GLU A 146 -5.32 -11.26 -14.64
C GLU A 146 -6.49 -11.05 -15.62
N THR A 147 -7.26 -9.97 -15.47
CA THR A 147 -8.40 -9.73 -16.37
C THR A 147 -7.97 -9.10 -17.68
N ASN A 148 -6.72 -8.63 -17.72
CA ASN A 148 -6.18 -7.82 -18.82
C ASN A 148 -6.97 -6.55 -19.13
N SER A 149 -7.76 -6.08 -18.16
CA SER A 149 -8.57 -4.89 -18.40
C SER A 149 -7.89 -3.64 -17.85
N MET A 150 -7.22 -2.90 -18.73
CA MET A 150 -6.49 -1.70 -18.30
C MET A 150 -7.42 -0.59 -17.80
N LYS A 151 -8.62 -0.52 -18.39
CA LYS A 151 -9.62 0.43 -17.92
C LYS A 151 -10.07 0.14 -16.50
N ALA A 152 -10.31 -1.13 -16.19
CA ALA A 152 -10.69 -1.49 -14.83
C ALA A 152 -9.60 -1.16 -13.81
N LEU A 153 -8.35 -1.45 -14.16
CA LEU A 153 -7.23 -1.13 -13.27
C LEU A 153 -7.13 0.37 -13.02
N GLU A 154 -7.35 1.15 -14.08
CA GLU A 154 -7.32 2.60 -14.02
C GLU A 154 -8.34 3.10 -13.05
N ILE A 155 -9.58 2.59 -13.20
CA ILE A 155 -10.69 2.95 -12.33
C ILE A 155 -10.38 2.65 -10.87
N LEU A 156 -9.88 1.45 -10.61
CA LEU A 156 -9.60 1.05 -9.21
C LEU A 156 -8.34 1.64 -8.60
N ALA A 157 -7.35 1.96 -9.44
CA ALA A 157 -6.15 2.66 -8.97
C ALA A 157 -6.48 4.09 -8.53
N ARG A 158 -7.25 4.79 -9.38
CA ARG A 158 -7.80 6.11 -9.04
CA ARG A 158 -7.84 6.10 -9.08
C ARG A 158 -8.68 6.04 -7.78
N ALA A 159 -9.58 5.06 -7.70
CA ALA A 159 -10.43 4.88 -6.50
C ALA A 159 -9.60 4.77 -5.23
N SER A 160 -8.61 3.90 -5.26
CA SER A 160 -7.65 3.73 -4.17
C SER A 160 -6.97 5.01 -3.73
N ARG A 161 -6.54 5.80 -4.71
CA ARG A 161 -5.96 7.10 -4.45
C ARG A 161 -6.93 8.06 -3.77
N VAL A 162 -8.14 8.18 -4.31
CA VAL A 162 -9.18 9.04 -3.76
C VAL A 162 -9.57 8.60 -2.34
N ILE A 163 -9.66 7.29 -2.12
CA ILE A 163 -10.00 6.73 -0.79
C ILE A 163 -8.97 7.13 0.25
N ALA A 164 -7.70 6.96 -0.12
CA ALA A 164 -6.60 7.38 0.72
C ALA A 164 -6.62 8.88 1.00
N GLU A 165 -6.92 9.73 0.01
CA GLU A 165 -7.11 11.16 0.27
C GLU A 165 -8.29 11.42 1.22
N GLY A 166 -9.39 10.71 0.98
CA GLY A 166 -10.56 10.82 1.86
C GLY A 166 -10.28 10.47 3.31
N GLU A 167 -9.51 9.40 3.51
CA GLU A 167 -9.13 8.95 4.83
C GLU A 167 -8.14 9.86 5.55
N VAL A 168 -7.18 10.42 4.81
CA VAL A 168 -6.27 11.42 5.36
C VAL A 168 -7.05 12.69 5.78
N LEU A 169 -7.97 13.15 4.92
CA LEU A 169 -8.81 14.33 5.19
C LEU A 169 -9.69 14.14 6.44
N GLN A 170 -10.27 12.96 6.59
CA GLN A 170 -11.12 12.66 7.73
C GLN A 170 -10.34 12.72 9.04
N LEU A 171 -9.09 12.31 8.98
CA LEU A 171 -8.27 12.29 10.17
C LEU A 171 -7.74 13.67 10.56
N MET A 172 -7.42 14.52 9.57
CA MET A 172 -7.08 15.91 9.87
C MET A 172 -8.32 16.77 10.20
N ARG A 173 -9.52 16.19 10.06
CA ARG A 173 -10.78 16.83 10.46
C ARG A 173 -11.58 15.97 11.45
N SER A 174 -10.89 15.08 12.15
CA SER A 174 -11.50 14.18 13.13
C SER A 174 -11.92 14.96 14.38
N HIS A 175 -11.10 15.96 14.71
CA HIS A 175 -11.32 16.85 15.85
C HIS A 175 -12.41 17.89 15.61
N ASP A 176 -12.66 18.19 14.33
CA ASP A 176 -13.22 19.49 13.93
C ASP A 176 -14.67 19.77 14.34
N LEU A 177 -14.81 20.89 15.06
CA LEU A 177 -16.08 21.38 15.56
C LEU A 177 -16.89 22.06 14.46
N ASN A 178 -16.17 22.79 13.61
CA ASN A 178 -16.79 23.70 12.65
C ASN A 178 -16.72 23.19 11.21
N LEU A 179 -16.88 21.88 11.03
CA LEU A 179 -16.80 21.29 9.70
C LEU A 179 -18.11 21.49 8.97
N SER A 180 -18.03 22.06 7.78
CA SER A 180 -19.21 22.38 6.98
C SER A 180 -19.84 21.10 6.41
N GLN A 181 -21.11 21.20 6.02
CA GLN A 181 -21.80 20.08 5.39
C GLN A 181 -21.10 19.67 4.10
N ALA A 182 -20.71 20.65 3.29
CA ALA A 182 -20.03 20.39 2.02
C ALA A 182 -18.75 19.55 2.16
N VAL A 183 -17.85 19.95 3.06
CA VAL A 183 -16.58 19.27 3.31
C VAL A 183 -16.80 17.86 3.85
N TYR A 184 -17.72 17.72 4.80
CA TYR A 184 -18.12 16.39 5.27
C TYR A 184 -18.60 15.45 4.14
N LEU A 185 -19.36 16.01 3.20
CA LEU A 185 -19.86 15.24 2.07
C LEU A 185 -18.71 14.80 1.18
N GLU A 186 -17.76 15.72 0.98
CA GLU A 186 -16.53 15.45 0.23
C GLU A 186 -15.70 14.32 0.88
N ILE A 187 -15.64 14.30 2.21
CA ILE A 187 -14.97 13.26 2.98
C ILE A 187 -15.63 11.89 2.76
N ILE A 188 -16.94 11.83 2.90
CA ILE A 188 -17.60 10.54 2.81
C ILE A 188 -17.74 10.08 1.36
N GLN A 189 -17.68 11.03 0.43
CA GLN A 189 -17.71 10.66 -0.98
C GLN A 189 -16.41 9.96 -1.36
N ALA A 190 -15.31 10.47 -0.82
CA ALA A 190 -14.00 9.92 -1.09
C ALA A 190 -13.75 8.61 -0.32
N LYS A 191 -14.11 8.56 0.96
CA LYS A 191 -13.75 7.41 1.77
C LYS A 191 -14.78 6.28 1.82
N THR A 192 -16.02 6.55 1.41
CA THR A 192 -17.03 5.50 1.40
C THR A 192 -17.62 5.26 0.02
N ALA A 193 -18.06 6.33 -0.65
CA ALA A 193 -18.90 6.17 -1.84
C ALA A 193 -18.08 5.84 -3.07
N GLU A 194 -16.87 6.40 -3.12
CA GLU A 194 -15.94 6.14 -4.22
C GLU A 194 -15.71 4.66 -4.58
N LEU A 195 -15.53 3.83 -3.57
CA LEU A 195 -15.37 2.38 -3.79
C LEU A 195 -16.64 1.76 -4.37
N PHE A 196 -17.81 2.20 -3.91
CA PHE A 196 -19.06 1.73 -4.48
C PHE A 196 -19.18 2.14 -5.93
N ALA A 197 -18.85 3.41 -6.20
CA ALA A 197 -18.87 3.91 -7.58
C ALA A 197 -17.87 3.19 -8.48
N ALA A 198 -16.67 2.97 -7.96
CA ALA A 198 -15.60 2.30 -8.73
C ALA A 198 -15.95 0.85 -8.98
N ALA A 199 -16.47 0.18 -7.96
CA ALA A 199 -16.92 -1.22 -8.11
C ALA A 199 -17.95 -1.37 -9.23
N SER A 200 -18.94 -0.48 -9.24
CA SER A 200 -19.97 -0.43 -10.27
CA SER A 200 -19.98 -0.46 -10.27
C SER A 200 -19.40 -0.09 -11.63
N GLU A 201 -18.64 1.01 -11.70
CA GLU A 201 -18.04 1.39 -12.97
C GLU A 201 -17.14 0.28 -13.56
N ALA A 202 -16.37 -0.37 -12.69
CA ALA A 202 -15.46 -1.45 -13.15
C ALA A 202 -16.25 -2.65 -13.66
N GLY A 203 -17.28 -3.02 -12.90
CA GLY A 203 -18.22 -4.05 -13.35
C GLY A 203 -18.78 -3.72 -14.72
N ALA A 204 -19.25 -2.49 -14.92
CA ALA A 204 -19.77 -2.07 -16.24
C ALA A 204 -18.77 -2.14 -17.38
N VAL A 205 -17.54 -1.65 -17.17
CA VAL A 205 -16.55 -1.68 -18.24
CA VAL A 205 -16.52 -1.66 -18.21
C VAL A 205 -16.09 -3.08 -18.59
N SER A 206 -16.13 -4.01 -17.63
CA SER A 206 -15.77 -5.41 -17.93
C SER A 206 -16.84 -6.06 -18.83
N ALA A 207 -18.05 -5.50 -18.83
CA ALA A 207 -19.12 -5.93 -19.73
C ALA A 207 -18.94 -5.42 -21.16
N GLY A 208 -18.12 -4.38 -21.31
CA GLY A 208 -17.77 -3.85 -22.62
C GLY A 208 -18.78 -2.85 -23.16
N VAL A 209 -19.55 -2.24 -22.26
CA VAL A 209 -20.56 -1.27 -22.67
C VAL A 209 -19.96 0.12 -22.91
N ASP A 210 -20.79 1.00 -23.49
CA ASP A 210 -20.35 2.34 -23.82
C ASP A 210 -20.16 3.16 -22.57
N VAL A 211 -19.55 4.32 -22.76
CA VAL A 211 -19.28 5.28 -21.68
C VAL A 211 -20.57 5.74 -20.96
N ALA A 212 -21.66 5.94 -21.71
CA ALA A 212 -22.94 6.38 -21.10
C ALA A 212 -23.45 5.36 -20.07
N LYS A 213 -23.31 4.07 -20.42
CA LYS A 213 -23.71 2.99 -19.54
C LYS A 213 -22.83 2.86 -18.29
N SER A 214 -21.51 2.92 -18.47
CA SER A 214 -20.60 2.82 -17.31
C SER A 214 -20.68 4.03 -16.38
N GLU A 215 -20.93 5.21 -16.97
CA GLU A 215 -21.15 6.46 -16.26
C GLU A 215 -22.37 6.44 -15.35
N ALA A 216 -23.48 5.93 -15.89
CA ALA A 216 -24.72 5.80 -15.17
C ALA A 216 -24.56 4.84 -13.99
N LEU A 217 -23.89 3.71 -14.23
CA LEU A 217 -23.67 2.72 -13.18
C LEU A 217 -22.71 3.23 -12.13
N ARG A 218 -21.68 3.95 -12.57
CA ARG A 218 -20.81 4.67 -11.64
C ARG A 218 -21.65 5.57 -10.70
N ASP A 219 -22.48 6.41 -11.30
CA ASP A 219 -23.42 7.30 -10.59
C ASP A 219 -24.36 6.60 -9.63
N TYR A 220 -24.86 5.43 -10.04
CA TYR A 220 -25.64 4.61 -9.11
C TYR A 220 -24.82 4.27 -7.87
N GLY A 221 -23.60 3.78 -8.08
CA GLY A 221 -22.75 3.36 -6.97
C GLY A 221 -22.41 4.50 -6.05
N LEU A 222 -22.03 5.64 -6.64
CA LEU A 222 -21.67 6.83 -5.87
C LEU A 222 -22.81 7.27 -4.99
N ASN A 223 -24.00 7.44 -5.58
CA ASN A 223 -25.18 7.88 -4.83
C ASN A 223 -25.63 6.87 -3.78
N LEU A 224 -25.57 5.58 -4.13
CA LEU A 224 -25.84 4.51 -3.18
C LEU A 224 -24.90 4.58 -1.95
N GLY A 225 -23.60 4.75 -2.21
CA GLY A 225 -22.59 4.90 -1.15
C GLY A 225 -22.89 6.04 -0.20
N LEU A 226 -23.28 7.19 -0.77
CA LEU A 226 -23.63 8.35 0.04
C LEU A 226 -24.87 8.07 0.90
N ALA A 227 -25.84 7.37 0.31
CA ALA A 227 -27.11 7.08 0.96
C ALA A 227 -26.90 6.12 2.12
N PHE A 228 -26.04 5.13 1.94
CA PHE A 228 -25.67 4.19 3.02
C PHE A 228 -25.03 4.91 4.20
N GLN A 229 -24.04 5.74 3.89
CA GLN A 229 -23.25 6.43 4.91
C GLN A 229 -24.10 7.38 5.74
N LEU A 230 -24.91 8.20 5.06
CA LEU A 230 -25.69 9.22 5.75
C LEU A 230 -26.80 8.64 6.63
N ALA A 231 -27.36 7.51 6.21
CA ALA A 231 -28.36 6.80 6.99
C ALA A 231 -27.70 6.10 8.15
N ASP A 232 -26.48 5.61 7.93
CA ASP A 232 -25.67 5.03 9.01
C ASP A 232 -25.29 6.08 10.04
N ASP A 233 -25.01 7.31 9.58
CA ASP A 233 -24.79 8.45 10.48
C ASP A 233 -26.06 8.78 11.29
N ALA A 234 -27.22 8.54 10.71
CA ALA A 234 -28.50 8.76 11.38
C ALA A 234 -28.89 7.59 12.28
N LEU A 235 -28.63 6.37 11.84
CA LEU A 235 -28.91 5.15 12.61
C LEU A 235 -28.05 5.03 13.89
N ASP A 236 -27.16 6.01 14.10
CA ASP A 236 -26.32 6.06 15.29
C ASP A 236 -26.90 7.05 16.32
N TYR A 237 -28.14 7.47 16.10
CA TYR A 237 -28.84 8.38 17.01
C TYR A 237 -30.33 8.06 17.09
N ALA A 257 -17.76 12.24 14.83
CA ALA A 257 -17.96 13.59 14.27
C ALA A 257 -18.72 13.59 12.94
N THR A 258 -19.95 13.05 12.94
CA THR A 258 -20.75 12.90 11.71
C THR A 258 -21.71 14.07 11.42
N LEU A 259 -22.53 13.95 10.38
CA LEU A 259 -23.44 15.03 9.94
C LEU A 259 -24.49 15.53 10.96
N PRO A 260 -25.22 14.63 11.66
CA PRO A 260 -26.20 15.12 12.67
C PRO A 260 -25.61 16.04 13.76
N LEU A 261 -24.45 15.66 14.30
CA LEU A 261 -23.77 16.44 15.33
C LEU A 261 -23.23 17.74 14.76
N LEU A 262 -22.70 17.66 13.54
CA LEU A 262 -22.17 18.83 12.84
C LEU A 262 -23.24 19.87 12.53
N LEU A 263 -24.42 19.40 12.18
CA LEU A 263 -25.54 20.29 11.89
C LEU A 263 -26.11 20.90 13.18
N ALA A 264 -26.28 20.07 14.21
CA ALA A 264 -26.79 20.52 15.51
C ALA A 264 -25.96 21.64 16.10
N ILE A 265 -24.64 21.46 16.09
CA ILE A 265 -23.68 22.43 16.61
C ILE A 265 -23.71 23.74 15.79
N ALA A 266 -23.92 23.61 14.48
CA ALA A 266 -24.09 24.77 13.60
C ALA A 266 -25.44 25.47 13.81
N ARG A 267 -26.41 24.74 14.35
CA ARG A 267 -27.73 25.30 14.66
C ARG A 267 -27.92 25.63 16.14
N SER A 268 -26.94 25.28 16.97
CA SER A 268 -26.97 25.65 18.40
C SER A 268 -26.10 26.88 18.71
N GLY A 269 -25.98 27.76 17.72
CA GLY A 269 -25.32 29.05 17.88
C GLY A 269 -23.80 29.00 17.74
N PRO A 270 -23.13 30.17 17.83
CA PRO A 270 -21.68 30.36 17.88
C PRO A 270 -20.93 29.65 19.03
N ARG A 271 -19.75 30.17 19.35
CA ARG A 271 -18.70 29.46 20.10
C ARG A 271 -19.00 28.86 21.49
N GLU A 272 -20.19 29.14 22.04
CA GLU A 272 -20.50 28.71 23.41
C GLU A 272 -21.40 27.47 23.51
N ALA A 273 -21.70 26.87 22.36
CA ALA A 273 -22.20 25.49 22.29
C ALA A 273 -21.49 24.77 21.13
N GLU A 274 -20.57 25.51 20.49
CA GLU A 274 -19.64 24.97 19.49
C GLU A 274 -18.37 24.42 20.14
N PHE A 275 -17.58 25.33 20.73
CA PHE A 275 -16.33 24.98 21.40
C PHE A 275 -16.59 24.33 22.78
N TRP A 276 -17.78 24.58 23.34
CA TRP A 276 -18.20 23.97 24.61
C TRP A 276 -18.54 22.48 24.46
N GLU A 277 -19.15 22.12 23.33
CA GLU A 277 -19.40 20.71 23.01
C GLU A 277 -18.11 20.03 22.57
N ARG A 278 -17.24 20.80 21.90
CA ARG A 278 -15.94 20.31 21.41
C ARG A 278 -14.93 20.05 22.53
N ALA A 279 -15.06 20.80 23.63
CA ALA A 279 -14.24 20.59 24.83
C ALA A 279 -14.70 19.33 25.59
N ILE A 280 -15.97 18.98 25.43
CA ILE A 280 -16.55 17.78 26.06
C ILE A 280 -16.47 16.55 25.15
N GLY A 281 -16.04 16.76 23.90
CA GLY A 281 -16.03 15.70 22.89
C GLY A 281 -14.91 14.67 23.07
N THR A 286 -18.90 11.59 29.84
CA THR A 286 -18.93 11.20 28.44
C THR A 286 -20.26 10.49 28.09
N GLU A 287 -20.51 9.33 28.70
CA GLU A 287 -21.77 8.59 28.51
C GLU A 287 -22.93 9.29 29.20
N ALA A 288 -22.63 9.94 30.33
CA ALA A 288 -23.56 10.84 31.00
C ALA A 288 -23.76 12.11 30.17
N ASP A 289 -22.69 12.52 29.49
CA ASP A 289 -22.66 13.72 28.66
C ASP A 289 -23.29 13.50 27.26
N PHE A 290 -23.75 12.27 26.98
CA PHE A 290 -24.19 11.87 25.64
C PHE A 290 -25.56 12.42 25.20
N ARG A 291 -26.60 12.16 26.01
CA ARG A 291 -27.99 12.45 25.63
C ARG A 291 -28.31 13.96 25.58
N ARG A 292 -27.40 14.78 26.10
CA ARG A 292 -27.46 16.24 26.03
C ARG A 292 -27.30 16.76 24.60
N ALA A 293 -26.33 16.21 23.87
CA ALA A 293 -26.08 16.56 22.47
C ALA A 293 -27.12 15.96 21.52
N ARG A 294 -27.66 14.80 21.90
CA ARG A 294 -28.74 14.13 21.15
C ARG A 294 -30.02 14.98 21.12
N GLU A 295 -30.32 15.62 22.25
CA GLU A 295 -31.41 16.60 22.36
C GLU A 295 -31.19 17.79 21.42
N LEU A 296 -29.95 18.26 21.35
CA LEU A 296 -29.54 19.31 20.40
C LEU A 296 -29.61 18.84 18.94
N ILE A 297 -29.43 17.54 18.72
CA ILE A 297 -29.49 16.94 17.37
C ILE A 297 -30.92 16.87 16.83
N ILE A 298 -31.82 16.24 17.58
CA ILE A 298 -33.23 16.11 17.16
C ILE A 298 -33.92 17.48 17.16
N GLY A 299 -33.82 18.18 18.31
CA GLY A 299 -34.52 19.43 18.56
C GLY A 299 -34.29 20.57 17.59
N SER A 300 -33.10 20.60 16.99
CA SER A 300 -32.76 21.61 15.98
C SER A 300 -33.10 21.15 14.55
N GLY A 301 -33.64 19.95 14.41
CA GLY A 301 -34.01 19.40 13.11
C GLY A 301 -32.81 18.96 12.28
N ALA A 302 -31.76 18.51 12.98
CA ALA A 302 -30.52 18.08 12.34
C ALA A 302 -30.54 16.59 11.97
N LEU A 303 -31.18 15.78 12.80
CA LEU A 303 -31.34 14.35 12.55
C LEU A 303 -32.25 14.14 11.34
N ASP A 304 -33.26 15.00 11.23
CA ASP A 304 -34.23 14.96 10.14
C ASP A 304 -33.62 15.43 8.83
N ALA A 305 -32.70 16.38 8.92
CA ALA A 305 -31.99 16.88 7.74
C ALA A 305 -31.04 15.81 7.19
N THR A 306 -30.52 14.96 8.07
CA THR A 306 -29.61 13.87 7.67
C THR A 306 -30.35 12.76 6.93
N LEU A 307 -31.47 12.33 7.49
CA LEU A 307 -32.29 11.26 6.92
C LEU A 307 -32.84 11.60 5.55
N ASP A 308 -33.22 12.86 5.37
CA ASP A 308 -33.82 13.32 4.12
C ASP A 308 -32.77 13.43 3.01
N LEU A 309 -31.58 13.95 3.37
CA LEU A 309 -30.43 14.01 2.46
C LEU A 309 -30.04 12.61 2.02
N ALA A 310 -29.99 11.69 2.98
CA ALA A 310 -29.79 10.25 2.71
C ALA A 310 -30.77 9.71 1.66
N ALA A 311 -32.06 10.08 1.80
CA ALA A 311 -33.10 9.68 0.84
C ALA A 311 -32.95 10.30 -0.54
N ASP A 312 -32.57 11.58 -0.58
CA ASP A 312 -32.26 12.28 -1.84
C ASP A 312 -31.16 11.57 -2.63
N TYR A 313 -30.13 11.11 -1.90
CA TYR A 313 -29.05 10.33 -2.51
C TYR A 313 -29.54 8.98 -3.02
N ALA A 314 -30.47 8.36 -2.30
CA ALA A 314 -31.05 7.08 -2.73
C ALA A 314 -31.87 7.22 -4.00
N ASP A 315 -32.61 8.33 -4.12
CA ASP A 315 -33.44 8.59 -5.31
C ASP A 315 -32.57 8.82 -6.53
N LYS A 316 -31.51 9.61 -6.35
CA LYS A 316 -30.48 9.82 -7.36
C LYS A 316 -29.88 8.50 -7.88
N ALA A 317 -29.56 7.59 -6.96
CA ALA A 317 -29.09 6.24 -7.33
C ALA A 317 -30.08 5.51 -8.24
N LYS A 318 -31.34 5.53 -7.84
CA LYS A 318 -32.40 4.92 -8.61
C LYS A 318 -32.55 5.59 -9.95
N ALA A 319 -32.60 6.91 -9.95
CA ALA A 319 -32.74 7.64 -11.22
C ALA A 319 -31.61 7.37 -12.23
N ALA A 320 -30.39 7.08 -11.74
CA ALA A 320 -29.24 6.73 -12.61
C ALA A 320 -29.39 5.44 -13.43
N LEU A 321 -30.32 4.58 -13.01
CA LEU A 321 -30.51 3.30 -13.67
C LEU A 321 -31.54 3.32 -14.80
N ALA A 322 -32.13 4.48 -15.04
CA ALA A 322 -33.31 4.57 -15.90
C ALA A 322 -33.03 4.13 -17.35
N MET A 323 -31.78 4.18 -17.79
CA MET A 323 -31.47 3.77 -19.20
C MET A 323 -31.43 2.24 -19.39
N PHE A 324 -31.40 1.50 -18.29
CA PHE A 324 -31.31 0.04 -18.37
C PHE A 324 -32.70 -0.59 -18.41
N PRO A 325 -32.84 -1.77 -19.06
CA PRO A 325 -34.06 -2.57 -19.04
C PRO A 325 -34.60 -2.76 -17.62
N ALA A 326 -35.92 -2.68 -17.47
CA ALA A 326 -36.57 -2.89 -16.17
C ALA A 326 -36.63 -4.39 -15.83
N ASN A 327 -35.47 -4.95 -15.49
CA ASN A 327 -35.35 -6.39 -15.23
C ASN A 327 -35.06 -6.67 -13.76
N ASP A 328 -34.76 -7.93 -13.45
CA ASP A 328 -34.54 -8.33 -12.07
C ASP A 328 -33.32 -7.61 -11.46
N TRP A 329 -32.25 -7.53 -12.24
CA TRP A 329 -31.04 -6.79 -11.83
C TRP A 329 -31.35 -5.32 -11.50
N ARG A 330 -32.02 -4.61 -12.41
CA ARG A 330 -32.42 -3.21 -12.11
C ARG A 330 -33.28 -3.05 -10.87
N GLU A 331 -34.31 -3.89 -10.76
CA GLU A 331 -35.23 -3.83 -9.63
C GLU A 331 -34.54 -4.19 -8.31
N ALA A 332 -33.62 -5.16 -8.37
CA ALA A 332 -32.79 -5.48 -7.20
C ALA A 332 -31.92 -4.30 -6.75
N LEU A 333 -31.36 -3.58 -7.72
CA LEU A 333 -30.58 -2.35 -7.44
C LEU A 333 -31.45 -1.21 -6.90
N GLU A 334 -32.63 -1.03 -7.49
CA GLU A 334 -33.63 -0.09 -6.98
C GLU A 334 -34.02 -0.40 -5.53
N GLU A 335 -34.35 -1.67 -5.27
CA GLU A 335 -34.64 -2.13 -3.89
C GLU A 335 -33.49 -1.91 -2.90
N LEU A 336 -32.26 -2.05 -3.37
CA LEU A 336 -31.07 -1.80 -2.53
C LEU A 336 -30.96 -0.36 -2.09
N ALA A 337 -31.27 0.55 -3.03
CA ALA A 337 -31.23 1.98 -2.75
C ALA A 337 -32.23 2.37 -1.67
N ASP A 338 -33.42 1.76 -1.70
CA ASP A 338 -34.43 1.96 -0.65
C ASP A 338 -33.97 1.35 0.67
N PHE A 339 -33.36 0.16 0.60
CA PHE A 339 -32.79 -0.49 1.78
C PHE A 339 -31.74 0.35 2.49
N ALA A 340 -30.90 1.04 1.73
CA ALA A 340 -29.91 1.95 2.30
C ALA A 340 -30.55 2.95 3.27
N VAL A 341 -31.78 3.36 2.97
CA VAL A 341 -32.53 4.33 3.78
C VAL A 341 -33.37 3.68 4.89
N SER A 342 -34.10 2.61 4.59
CA SER A 342 -34.99 1.97 5.56
C SER A 342 -34.31 1.27 6.75
N ARG A 343 -33.45 0.28 6.48
CA ARG A 343 -32.81 -0.60 7.48
C ARG A 343 -32.62 -0.01 8.89
N PRO B 18 41.74 -7.72 -2.07
CA PRO B 18 40.77 -6.66 -1.83
C PRO B 18 39.86 -6.38 -3.04
N ARG B 19 38.55 -6.40 -2.82
CA ARG B 19 37.55 -6.22 -3.90
C ARG B 19 37.35 -4.76 -4.30
N LYS B 20 37.00 -4.54 -5.58
CA LYS B 20 36.72 -3.18 -6.11
C LYS B 20 35.59 -2.47 -5.36
N SER B 21 35.76 -1.16 -5.19
CA SER B 21 34.79 -0.31 -4.49
C SER B 21 33.50 -0.10 -5.29
N GLY B 22 33.64 0.15 -6.59
CA GLY B 22 32.54 0.66 -7.39
C GLY B 22 32.18 2.08 -6.96
N SER B 23 31.05 2.56 -7.47
CA SER B 23 30.52 3.90 -7.17
C SER B 23 29.16 3.99 -7.82
N VAL B 24 28.38 5.02 -7.50
CA VAL B 24 27.14 5.29 -8.25
C VAL B 24 27.35 6.33 -9.33
N ASP B 25 28.52 6.98 -9.28
CA ASP B 25 28.79 8.20 -10.04
C ASP B 25 28.49 8.10 -11.52
N ARG B 26 28.94 7.01 -12.15
CA ARG B 26 28.72 6.82 -13.60
CA ARG B 26 28.72 6.83 -13.59
C ARG B 26 27.22 6.63 -13.91
N LEU B 27 26.55 5.82 -13.10
CA LEU B 27 25.11 5.60 -13.22
C LEU B 27 24.34 6.94 -13.16
N VAL B 28 24.60 7.73 -12.13
CA VAL B 28 23.93 8.99 -11.87
C VAL B 28 24.11 9.97 -13.03
N ARG B 29 25.34 10.03 -13.52
CA ARG B 29 25.68 10.89 -14.65
C ARG B 29 25.03 10.45 -15.96
N LEU B 30 25.08 9.15 -16.26
CA LEU B 30 24.41 8.63 -17.45
C LEU B 30 22.89 8.83 -17.40
N ALA B 31 22.32 8.78 -16.19
CA ALA B 31 20.87 8.81 -16.01
C ALA B 31 20.29 10.22 -15.74
N GLU B 32 21.17 11.20 -15.59
CA GLU B 32 20.82 12.59 -15.29
C GLU B 32 19.63 13.10 -16.08
N ALA B 33 19.66 12.99 -17.40
CA ALA B 33 18.60 13.51 -18.24
C ALA B 33 17.27 12.77 -18.06
N ASP B 34 17.33 11.48 -17.72
CA ASP B 34 16.12 10.73 -17.45
C ASP B 34 15.59 10.98 -16.04
N MET B 35 16.51 11.14 -15.08
CA MET B 35 16.09 11.38 -13.71
C MET B 35 15.46 12.74 -13.46
N ALA B 36 15.78 13.71 -14.29
CA ALA B 36 15.10 14.99 -14.21
C ALA B 36 13.63 14.79 -14.55
N GLY B 37 13.34 13.98 -15.57
CA GLY B 37 11.96 13.59 -15.86
C GLY B 37 11.27 12.82 -14.73
N VAL B 38 12.00 11.90 -14.11
CA VAL B 38 11.49 11.06 -13.02
C VAL B 38 11.17 11.93 -11.80
N ASN B 39 12.09 12.83 -11.46
CA ASN B 39 11.91 13.77 -10.34
C ASN B 39 10.77 14.76 -10.56
N ARG B 40 10.56 15.17 -11.81
CA ARG B 40 9.41 15.99 -12.15
C ARG B 40 8.11 15.23 -11.87
N LEU B 41 8.06 13.94 -12.22
CA LEU B 41 6.86 13.11 -11.98
C LEU B 41 6.64 12.94 -10.48
N ILE B 42 7.73 12.72 -9.76
CA ILE B 42 7.66 12.53 -8.31
C ILE B 42 7.02 13.75 -7.64
N THR B 43 7.60 14.93 -7.86
CA THR B 43 7.07 16.15 -7.29
CA THR B 43 7.06 16.16 -7.28
C THR B 43 5.62 16.40 -7.69
N ASP B 44 5.29 16.09 -8.94
CA ASP B 44 3.95 16.26 -9.45
C ASP B 44 2.91 15.35 -8.78
N ARG B 45 3.24 14.08 -8.58
CA ARG B 45 2.25 13.11 -8.12
C ARG B 45 2.16 13.07 -6.61
N MET B 46 3.11 13.72 -5.94
CA MET B 46 2.97 13.82 -4.50
C MET B 46 2.00 14.92 -4.08
N GLN B 47 1.46 15.66 -5.06
CA GLN B 47 0.52 16.75 -4.79
C GLN B 47 -0.91 16.25 -4.52
N SER B 48 -1.58 16.91 -3.58
CA SER B 48 -2.97 16.62 -3.24
C SER B 48 -3.59 17.86 -2.60
N ASP B 49 -4.90 18.03 -2.76
CA ASP B 49 -5.65 19.09 -2.08
C ASP B 49 -5.67 18.89 -0.56
N VAL B 50 -5.56 17.63 -0.15
CA VAL B 50 -5.47 17.27 1.28
C VAL B 50 -4.03 17.54 1.73
N ALA B 51 -3.84 18.64 2.46
CA ALA B 51 -2.50 19.26 2.62
C ALA B 51 -1.44 18.42 3.36
N ILE B 52 -1.88 17.57 4.30
CA ILE B 52 -1.00 16.67 5.06
C ILE B 52 -0.22 15.73 4.11
N ILE B 53 -0.89 15.27 3.06
CA ILE B 53 -0.31 14.34 2.09
C ILE B 53 1.02 14.85 1.47
N PRO B 54 1.03 15.99 0.73
CA PRO B 54 2.32 16.46 0.23
C PRO B 54 3.31 16.93 1.32
N ALA B 55 2.81 17.40 2.46
CA ALA B 55 3.68 17.76 3.59
C ALA B 55 4.43 16.54 4.13
N LEU B 56 3.71 15.47 4.47
CA LEU B 56 4.33 14.23 4.96
C LEU B 56 5.25 13.58 3.92
N ALA B 57 4.78 13.54 2.68
CA ALA B 57 5.52 12.92 1.59
C ALA B 57 6.84 13.64 1.27
N GLU B 58 6.79 14.96 1.12
CA GLU B 58 8.01 15.74 0.85
C GLU B 58 8.98 15.71 2.02
N HIS B 59 8.49 15.58 3.25
CA HIS B 59 9.37 15.46 4.40
C HIS B 59 10.32 14.26 4.17
N LEU B 60 9.77 13.14 3.69
CA LEU B 60 10.58 11.95 3.39
C LEU B 60 11.35 12.00 2.06
N ILE B 61 10.65 12.34 0.99
CA ILE B 61 11.23 12.33 -0.35
C ILE B 61 12.35 13.38 -0.51
N ALA B 62 12.07 14.62 -0.12
CA ALA B 62 13.09 15.68 -0.20
C ALA B 62 14.25 15.52 0.80
N ALA B 63 14.07 14.67 1.82
CA ALA B 63 15.10 14.44 2.84
C ALA B 63 16.40 13.82 2.31
N GLY B 64 16.30 13.15 1.16
CA GLY B 64 17.44 12.51 0.54
C GLY B 64 17.04 11.20 -0.10
N GLY B 65 17.99 10.27 -0.15
CA GLY B 65 17.74 8.95 -0.68
C GLY B 65 18.54 8.78 -1.94
N LYS B 66 19.08 7.59 -2.13
CA LYS B 66 20.04 7.35 -3.23
C LYS B 66 19.37 7.15 -4.57
N ARG B 67 18.04 6.93 -4.58
CA ARG B 67 17.28 6.76 -5.81
C ARG B 67 17.77 5.60 -6.67
N LEU B 68 18.34 4.57 -6.02
CA LEU B 68 18.91 3.43 -6.75
C LEU B 68 17.85 2.67 -7.53
N ARG B 69 16.67 2.56 -6.93
CA ARG B 69 15.60 1.85 -7.59
C ARG B 69 15.12 2.48 -8.91
N PRO B 70 14.74 3.81 -8.91
CA PRO B 70 14.44 4.42 -10.23
C PRO B 70 15.64 4.46 -11.19
N LEU B 71 16.85 4.65 -10.65
CA LEU B 71 18.08 4.59 -11.43
C LEU B 71 18.21 3.26 -12.17
N MET B 72 17.89 2.18 -11.47
CA MET B 72 17.96 0.86 -12.10
CA MET B 72 17.91 0.83 -12.05
C MET B 72 16.92 0.66 -13.19
N THR B 73 15.71 1.19 -12.98
CA THR B 73 14.70 1.19 -14.03
C THR B 73 15.23 1.95 -15.24
N VAL B 74 15.78 3.14 -15.00
CA VAL B 74 16.37 3.95 -16.08
C VAL B 74 17.51 3.18 -16.78
N ALA B 75 18.48 2.71 -16.01
CA ALA B 75 19.58 1.89 -16.57
C ALA B 75 19.13 0.69 -17.39
N ALA B 76 18.12 -0.04 -16.88
CA ALA B 76 17.64 -1.24 -17.55
C ALA B 76 16.96 -0.89 -18.86
N ALA B 77 16.21 0.20 -18.87
CA ALA B 77 15.52 0.63 -20.09
C ALA B 77 16.49 1.06 -21.21
N ARG B 78 17.50 1.83 -20.84
CA ARG B 78 18.52 2.26 -21.79
C ARG B 78 19.45 1.13 -22.26
N LEU B 79 19.81 0.22 -21.34
CA LEU B 79 20.60 -0.97 -21.70
C LEU B 79 19.82 -1.84 -22.66
N ALA B 80 18.52 -2.03 -22.39
CA ALA B 80 17.66 -2.76 -23.31
C ALA B 80 17.32 -2.00 -24.60
N GLY B 81 17.72 -0.74 -24.69
CA GLY B 81 17.55 0.05 -25.91
C GLY B 81 16.14 0.56 -26.13
N ALA B 82 15.59 1.28 -25.15
CA ALA B 82 14.27 1.90 -25.27
C ALA B 82 14.27 3.04 -26.30
N ASP B 83 13.15 3.23 -27.00
CA ASP B 83 13.11 4.29 -28.02
C ASP B 83 12.28 5.50 -27.60
N ASN B 84 11.54 5.36 -26.50
CA ASN B 84 10.86 6.48 -25.87
C ASN B 84 11.17 6.53 -24.37
N ASP B 85 10.66 7.55 -23.70
CA ASP B 85 10.97 7.76 -22.30
C ASP B 85 9.83 7.39 -21.34
N HIS B 86 8.95 6.48 -21.77
CA HIS B 86 7.79 6.14 -20.95
C HIS B 86 8.16 5.32 -19.72
N PHE B 87 9.37 4.74 -19.74
CA PHE B 87 9.93 4.07 -18.57
C PHE B 87 10.07 5.00 -17.38
N GLN B 88 10.12 6.32 -17.60
CA GLN B 88 10.28 7.30 -16.51
C GLN B 88 9.13 7.27 -15.52
N LYS B 89 7.91 7.03 -16.02
CA LYS B 89 6.74 6.86 -15.15
C LYS B 89 6.85 5.62 -14.26
N LEU B 90 7.36 4.52 -14.83
CA LEU B 90 7.66 3.29 -14.08
C LEU B 90 8.71 3.55 -13.03
N ALA B 91 9.78 4.25 -13.41
CA ALA B 91 10.83 4.64 -12.46
C ALA B 91 10.28 5.44 -11.30
N ALA B 92 9.44 6.42 -11.62
CA ALA B 92 8.73 7.20 -10.61
C ALA B 92 7.83 6.32 -9.70
N ALA B 93 7.06 5.42 -10.33
CA ALA B 93 6.19 4.47 -9.57
C ALA B 93 7.00 3.62 -8.60
N VAL B 94 8.16 3.17 -9.06
CA VAL B 94 9.07 2.34 -8.24
C VAL B 94 9.52 3.10 -6.98
N GLU B 95 9.90 4.38 -7.16
CA GLU B 95 10.31 5.19 -6.01
C GLU B 95 9.17 5.44 -5.05
N PHE B 96 7.96 5.66 -5.57
CA PHE B 96 6.78 5.78 -4.72
C PHE B 96 6.53 4.50 -3.94
N ILE B 97 6.64 3.35 -4.61
CA ILE B 97 6.46 2.08 -3.90
C ILE B 97 7.50 1.96 -2.78
N HIS B 98 8.75 2.25 -3.11
CA HIS B 98 9.83 2.25 -2.12
C HIS B 98 9.52 3.21 -0.95
N THR B 99 9.10 4.44 -1.27
CA THR B 99 8.81 5.46 -0.28
C THR B 99 7.70 5.04 0.65
N ALA B 100 6.65 4.47 0.09
CA ALA B 100 5.54 3.93 0.86
C ALA B 100 5.97 2.81 1.81
N THR B 101 6.84 1.92 1.35
CA THR B 101 7.29 0.80 2.18
C THR B 101 8.13 1.32 3.34
N LEU B 102 8.90 2.38 3.10
CA LEU B 102 9.63 3.08 4.18
C LEU B 102 8.72 3.61 5.28
N LEU B 103 7.65 4.30 4.88
CA LEU B 103 6.71 4.87 5.84
C LEU B 103 6.10 3.76 6.69
N HIS B 104 5.68 2.69 6.03
CA HIS B 104 5.07 1.57 6.70
C HIS B 104 6.09 0.80 7.56
N ASP B 105 7.28 0.59 7.02
CA ASP B 105 8.28 -0.20 7.73
C ASP B 105 8.79 0.55 8.96
N ASP B 106 9.00 1.86 8.85
CA ASP B 106 9.38 2.68 10.01
C ASP B 106 8.34 2.71 11.13
N VAL B 107 7.05 2.69 10.76
CA VAL B 107 5.98 2.60 11.75
C VAL B 107 5.98 1.24 12.45
N VAL B 108 6.17 0.19 11.67
CA VAL B 108 6.17 -1.19 12.17
C VAL B 108 7.37 -1.43 13.10
N ASP B 109 8.55 -1.02 12.66
CA ASP B 109 9.77 -1.23 13.43
C ASP B 109 9.95 -0.26 14.61
N GLY B 110 9.20 0.84 14.61
CA GLY B 110 9.37 1.89 15.61
C GLY B 110 10.64 2.73 15.49
N SER B 111 11.18 2.85 14.27
CA SER B 111 12.43 3.61 14.03
C SER B 111 12.22 5.11 14.16
N GLN B 112 13.21 5.81 14.73
CA GLN B 112 13.05 7.23 15.04
C GLN B 112 13.70 8.18 14.02
N LEU B 113 14.58 7.63 13.19
CA LEU B 113 15.32 8.42 12.22
C LEU B 113 15.29 7.76 10.82
N ARG B 114 15.11 8.60 9.80
CA ARG B 114 15.10 8.15 8.42
C ARG B 114 15.60 9.27 7.54
N ARG B 115 16.66 8.96 6.78
CA ARG B 115 17.30 9.92 5.86
C ARG B 115 17.74 11.22 6.58
N GLY B 116 18.16 11.08 7.84
CA GLY B 116 18.69 12.21 8.59
C GLY B 116 17.64 13.05 9.32
N LYS B 117 16.37 12.82 9.01
CA LYS B 117 15.27 13.54 9.64
C LYS B 117 14.52 12.59 10.58
N VAL B 118 13.75 13.17 11.50
CA VAL B 118 12.84 12.42 12.37
C VAL B 118 11.87 11.65 11.47
N ALA B 119 11.57 10.40 11.84
CA ALA B 119 10.62 9.59 11.08
C ALA B 119 9.23 10.25 11.09
N ALA B 120 8.63 10.35 9.91
CA ALA B 120 7.35 11.07 9.69
C ALA B 120 6.25 10.77 10.71
N HIS B 121 6.16 9.52 11.15
CA HIS B 121 5.13 9.11 12.11
C HIS B 121 5.30 9.71 13.51
N LEU B 122 6.46 10.27 13.81
CA LEU B 122 6.67 10.97 15.07
C LEU B 122 6.17 12.42 15.02
N ILE B 123 5.99 12.95 13.81
CA ILE B 123 5.48 14.29 13.58
C ILE B 123 3.98 14.29 13.29
N TRP B 124 3.55 13.40 12.39
CA TRP B 124 2.16 13.37 11.93
C TRP B 124 1.35 12.24 12.54
N GLY B 125 2.03 11.31 13.19
CA GLY B 125 1.35 10.14 13.78
C GLY B 125 1.48 8.91 12.90
N GLY B 126 1.32 7.75 13.52
CA GLY B 126 1.39 6.45 12.84
C GLY B 126 0.32 6.31 11.78
N ALA B 127 -0.91 6.69 12.12
CA ALA B 127 -2.04 6.52 11.21
C ALA B 127 -1.82 7.27 9.90
N GLN B 128 -1.44 8.55 10.02
CA GLN B 128 -1.18 9.38 8.84
C GLN B 128 -0.03 8.88 7.99
N SER B 129 1.05 8.41 8.63
CA SER B 129 2.15 7.72 7.92
C SER B 129 1.67 6.54 7.10
N VAL B 130 0.87 5.68 7.73
CA VAL B 130 0.27 4.56 7.02
C VAL B 130 -0.57 5.00 5.84
N LEU B 131 -1.47 5.95 6.08
CA LEU B 131 -2.39 6.47 5.04
C LEU B 131 -1.72 7.18 3.86
N VAL B 132 -0.68 7.97 4.14
CA VAL B 132 0.11 8.62 3.09
C VAL B 132 0.89 7.59 2.28
N GLY B 133 1.40 6.57 2.96
CA GLY B 133 1.95 5.40 2.26
C GLY B 133 0.94 4.80 1.32
N ASP B 134 -0.29 4.55 1.80
CA ASP B 134 -1.39 4.06 0.93
C ASP B 134 -1.66 4.96 -0.28
N PHE B 135 -1.61 6.29 -0.08
CA PHE B 135 -1.70 7.28 -1.17
C PHE B 135 -0.61 7.10 -2.24
N LEU B 136 0.64 6.99 -1.77
CA LEU B 136 1.80 6.83 -2.66
C LEU B 136 1.76 5.53 -3.44
N PHE B 137 1.29 4.49 -2.75
CA PHE B 137 1.13 3.19 -3.39
CA PHE B 137 1.10 3.16 -3.35
C PHE B 137 0.12 3.31 -4.52
N ALA B 138 -1.01 3.96 -4.25
CA ALA B 138 -2.01 4.15 -5.29
C ALA B 138 -1.51 5.06 -6.44
N ARG B 139 -0.81 6.12 -6.09
CA ARG B 139 -0.17 7.00 -7.08
C ARG B 139 0.79 6.24 -7.99
N ALA B 140 1.61 5.36 -7.40
CA ALA B 140 2.47 4.49 -8.17
C ALA B 140 1.69 3.69 -9.25
N PHE B 141 0.55 3.11 -8.89
CA PHE B 141 -0.25 2.34 -9.87
C PHE B 141 -0.98 3.14 -10.92
N GLU B 142 -1.45 4.32 -10.51
CA GLU B 142 -1.93 5.30 -11.46
C GLU B 142 -0.88 5.63 -12.53
N LEU B 143 0.38 5.84 -12.10
CA LEU B 143 1.48 6.10 -13.03
C LEU B 143 1.71 4.97 -14.01
N MET B 144 1.73 3.76 -13.46
CA MET B 144 1.92 2.57 -14.27
C MET B 144 0.83 2.37 -15.29
N VAL B 145 -0.41 2.63 -14.87
CA VAL B 145 -1.55 2.61 -15.79
C VAL B 145 -1.32 3.51 -17.01
N GLU B 146 -0.80 4.72 -16.76
CA GLU B 146 -0.51 5.67 -17.85
C GLU B 146 0.44 5.14 -18.92
N THR B 147 1.39 4.30 -18.53
CA THR B 147 2.36 3.74 -19.49
C THR B 147 1.71 2.71 -20.41
N ASN B 148 0.56 2.17 -20.00
CA ASN B 148 -0.15 1.12 -20.78
C ASN B 148 0.62 -0.19 -20.91
N SER B 149 1.59 -0.40 -20.03
CA SER B 149 2.32 -1.65 -20.07
C SER B 149 1.78 -2.58 -19.02
N MET B 150 0.96 -3.51 -19.49
CA MET B 150 0.34 -4.47 -18.59
C MET B 150 1.35 -5.40 -17.93
N LYS B 151 2.39 -5.73 -18.68
CA LYS B 151 3.48 -6.57 -18.15
C LYS B 151 4.23 -5.83 -17.06
N ALA B 152 4.55 -4.55 -17.28
CA ALA B 152 5.28 -3.82 -16.24
C ALA B 152 4.41 -3.68 -15.00
N LEU B 153 3.12 -3.50 -15.19
CA LEU B 153 2.20 -3.43 -14.05
C LEU B 153 2.09 -4.74 -13.26
N GLU B 154 2.06 -5.87 -13.95
CA GLU B 154 2.06 -7.19 -13.28
C GLU B 154 3.34 -7.39 -12.47
N ILE B 155 4.45 -6.97 -13.04
CA ILE B 155 5.76 -7.11 -12.41
C ILE B 155 5.80 -6.34 -11.09
N LEU B 156 5.31 -5.11 -11.08
CA LEU B 156 5.36 -4.31 -9.84
C LEU B 156 4.27 -4.61 -8.84
N ALA B 157 3.10 -5.02 -9.33
CA ALA B 157 2.02 -5.52 -8.44
C ALA B 157 2.51 -6.75 -7.64
N ARG B 158 3.12 -7.68 -8.38
CA ARG B 158 3.69 -8.87 -7.81
C ARG B 158 4.78 -8.49 -6.80
N ALA B 159 5.69 -7.59 -7.20
CA ALA B 159 6.77 -7.16 -6.29
C ALA B 159 6.20 -6.58 -4.99
N SER B 160 5.14 -5.78 -5.11
CA SER B 160 4.56 -5.16 -3.93
C SER B 160 3.92 -6.16 -2.98
N ARG B 161 3.34 -7.22 -3.54
CA ARG B 161 2.73 -8.27 -2.75
C ARG B 161 3.82 -9.04 -1.99
N VAL B 162 4.90 -9.31 -2.70
CA VAL B 162 6.02 -10.08 -2.19
C VAL B 162 6.76 -9.33 -1.07
N ILE B 163 6.89 -8.02 -1.22
CA ILE B 163 7.38 -7.19 -0.12
C ILE B 163 6.56 -7.36 1.15
N ALA B 164 5.23 -7.28 1.03
CA ALA B 164 4.37 -7.43 2.21
C ALA B 164 4.53 -8.81 2.87
N GLU B 165 4.63 -9.85 2.05
CA GLU B 165 4.84 -11.22 2.49
C GLU B 165 6.14 -11.37 3.25
N GLY B 166 7.20 -10.78 2.70
CA GLY B 166 8.51 -10.77 3.34
C GLY B 166 8.49 -10.06 4.66
N GLU B 167 7.75 -8.96 4.74
CA GLU B 167 7.66 -8.19 5.99
C GLU B 167 6.88 -8.92 7.06
N VAL B 168 5.79 -9.59 6.66
CA VAL B 168 5.05 -10.44 7.55
C VAL B 168 5.91 -11.61 8.03
N LEU B 169 6.65 -12.24 7.11
CA LEU B 169 7.53 -13.37 7.42
C LEU B 169 8.57 -12.96 8.43
N GLN B 170 9.15 -11.78 8.23
CA GLN B 170 10.07 -11.19 9.18
C GLN B 170 9.40 -10.92 10.55
N LEU B 171 8.21 -10.32 10.54
CA LEU B 171 7.45 -10.07 11.77
C LEU B 171 7.23 -11.36 12.58
N MET B 172 6.85 -12.44 11.88
CA MET B 172 6.59 -13.73 12.50
C MET B 172 7.85 -14.52 12.91
N ARG B 173 8.92 -14.41 12.13
CA ARG B 173 10.01 -15.36 12.28
C ARG B 173 11.36 -14.77 12.64
N SER B 174 11.53 -13.46 12.46
CA SER B 174 12.85 -12.86 12.71
C SER B 174 13.09 -12.55 14.18
N HIS B 175 12.07 -12.76 15.01
CA HIS B 175 12.14 -12.34 16.41
C HIS B 175 12.43 -13.45 17.40
N ASP B 176 13.15 -14.48 16.93
CA ASP B 176 13.71 -15.53 17.79
C ASP B 176 15.08 -15.97 17.24
N LEU B 177 15.97 -16.37 18.15
CA LEU B 177 17.36 -16.70 17.80
C LEU B 177 17.55 -18.01 17.02
N ASN B 178 16.51 -18.84 16.96
CA ASN B 178 16.58 -20.04 16.15
C ASN B 178 16.02 -19.82 14.74
N LEU B 179 16.36 -18.66 14.18
CA LEU B 179 16.09 -18.33 12.80
C LEU B 179 17.20 -18.93 11.95
N SER B 180 16.84 -19.67 10.92
CA SER B 180 17.86 -20.25 10.04
C SER B 180 18.30 -19.21 9.01
N GLN B 181 19.45 -19.46 8.41
CA GLN B 181 20.01 -18.64 7.35
C GLN B 181 19.10 -18.69 6.12
N ALA B 182 18.48 -19.85 5.87
CA ALA B 182 17.61 -20.05 4.72
C ALA B 182 16.33 -19.21 4.79
N VAL B 183 15.69 -19.20 5.97
CA VAL B 183 14.53 -18.34 6.21
C VAL B 183 14.95 -16.86 6.13
N TYR B 184 16.10 -16.51 6.72
CA TYR B 184 16.63 -15.17 6.60
C TYR B 184 16.81 -14.71 5.15
N LEU B 185 17.42 -15.56 4.31
CA LEU B 185 17.61 -15.25 2.90
C LEU B 185 16.31 -15.20 2.11
N GLU B 186 15.33 -15.97 2.54
CA GLU B 186 13.99 -15.92 1.97
C GLU B 186 13.34 -14.58 2.30
N ILE B 187 13.46 -14.13 3.55
CA ILE B 187 12.98 -12.83 3.97
C ILE B 187 13.61 -11.67 3.21
N ILE B 188 14.95 -11.63 3.14
CA ILE B 188 15.59 -10.51 2.45
C ILE B 188 15.33 -10.56 0.94
N GLN B 189 15.15 -11.75 0.38
CA GLN B 189 14.84 -11.79 -1.04
C GLN B 189 13.48 -11.12 -1.33
N ALA B 190 12.52 -11.40 -0.46
CA ALA B 190 11.16 -10.92 -0.63
C ALA B 190 11.03 -9.45 -0.29
N LYS B 191 11.53 -9.07 0.88
CA LYS B 191 11.29 -7.73 1.37
C LYS B 191 12.18 -6.68 0.71
N THR B 192 13.33 -7.08 0.16
CA THR B 192 14.27 -6.10 -0.40
C THR B 192 14.69 -6.40 -1.82
N ALA B 193 15.10 -7.63 -2.10
CA ALA B 193 15.68 -7.92 -3.41
C ALA B 193 14.66 -7.89 -4.56
N GLU B 194 13.41 -8.23 -4.25
CA GLU B 194 12.35 -8.29 -5.26
C GLU B 194 12.02 -6.94 -5.94
N LEU B 195 12.01 -5.86 -5.17
CA LEU B 195 11.77 -4.50 -5.70
C LEU B 195 12.93 -4.06 -6.67
N PHE B 196 14.16 -4.43 -6.31
CA PHE B 196 15.31 -4.24 -7.21
C PHE B 196 15.18 -5.05 -8.48
N ALA B 197 14.82 -6.35 -8.34
CA ALA B 197 14.56 -7.19 -9.51
C ALA B 197 13.45 -6.60 -10.40
N ALA B 198 12.33 -6.22 -9.78
CA ALA B 198 11.17 -5.59 -10.44
C ALA B 198 11.51 -4.28 -11.16
N ALA B 199 12.28 -3.42 -10.48
CA ALA B 199 12.73 -2.16 -11.06
C ALA B 199 13.49 -2.39 -12.36
N SER B 200 14.45 -3.31 -12.36
CA SER B 200 15.19 -3.61 -13.58
C SER B 200 14.33 -4.30 -14.60
N GLU B 201 13.56 -5.31 -14.17
CA GLU B 201 12.76 -6.04 -15.12
C GLU B 201 11.68 -5.14 -15.74
N ALA B 202 11.03 -4.28 -14.94
CA ALA B 202 10.04 -3.36 -15.51
C ALA B 202 10.69 -2.38 -16.51
N GLY B 203 11.89 -1.90 -16.18
CA GLY B 203 12.68 -1.05 -17.09
C GLY B 203 12.89 -1.74 -18.43
N ALA B 204 13.32 -3.01 -18.37
CA ALA B 204 13.57 -3.81 -19.56
C ALA B 204 12.32 -4.06 -20.41
N VAL B 205 11.20 -4.42 -19.76
CA VAL B 205 9.98 -4.69 -20.54
CA VAL B 205 9.93 -4.68 -20.46
C VAL B 205 9.40 -3.45 -21.23
N SER B 206 9.62 -2.26 -20.64
CA SER B 206 9.18 -0.99 -21.27
C SER B 206 9.79 -0.80 -22.65
N ALA B 207 11.04 -1.24 -22.80
CA ALA B 207 11.81 -1.13 -24.02
C ALA B 207 11.30 -2.04 -25.14
N GLY B 208 10.46 -3.01 -24.79
CA GLY B 208 9.80 -3.87 -25.74
C GLY B 208 10.71 -4.99 -26.23
N VAL B 209 11.52 -5.53 -25.33
CA VAL B 209 12.54 -6.50 -25.75
C VAL B 209 12.14 -7.95 -25.58
N ASP B 210 13.08 -8.82 -25.94
CA ASP B 210 12.91 -10.24 -25.78
C ASP B 210 13.01 -10.59 -24.30
N VAL B 211 12.50 -11.77 -23.99
CA VAL B 211 12.43 -12.24 -22.61
C VAL B 211 13.82 -12.53 -22.04
N ALA B 212 14.77 -12.86 -22.91
CA ALA B 212 16.14 -13.14 -22.48
C ALA B 212 16.76 -11.91 -21.83
N LYS B 213 16.58 -10.74 -22.45
CA LYS B 213 17.09 -9.50 -21.90
C LYS B 213 16.40 -9.10 -20.59
N SER B 214 15.07 -9.21 -20.53
CA SER B 214 14.36 -8.83 -19.31
C SER B 214 14.66 -9.78 -18.16
N GLU B 215 14.83 -11.06 -18.49
CA GLU B 215 15.19 -12.08 -17.52
C GLU B 215 16.60 -11.83 -17.00
N ALA B 216 17.52 -11.47 -17.89
CA ALA B 216 18.90 -11.13 -17.50
C ALA B 216 18.95 -9.94 -16.55
N LEU B 217 18.18 -8.92 -16.86
CA LEU B 217 18.14 -7.71 -16.08
C LEU B 217 17.46 -7.91 -14.74
N ARG B 218 16.37 -8.68 -14.76
CA ARG B 218 15.75 -9.17 -13.55
C ARG B 218 16.76 -9.88 -12.63
N ASP B 219 17.51 -10.80 -13.21
CA ASP B 219 18.59 -11.55 -12.53
C ASP B 219 19.60 -10.60 -11.89
N TYR B 220 19.98 -9.54 -12.63
CA TYR B 220 20.90 -8.52 -12.14
C TYR B 220 20.33 -7.86 -10.90
N GLY B 221 19.10 -7.39 -10.99
CA GLY B 221 18.47 -6.66 -9.89
C GLY B 221 18.25 -7.53 -8.65
N LEU B 222 17.82 -8.79 -8.84
CA LEU B 222 17.57 -9.69 -7.70
CA LEU B 222 17.58 -9.68 -7.69
C LEU B 222 18.87 -9.91 -6.91
N ASN B 223 19.92 -10.30 -7.62
CA ASN B 223 21.22 -10.47 -7.00
C ASN B 223 21.78 -9.18 -6.41
N LEU B 224 21.58 -8.04 -7.11
CA LEU B 224 22.01 -6.74 -6.54
C LEU B 224 21.31 -6.48 -5.21
N GLY B 225 20.02 -6.78 -5.16
CA GLY B 225 19.23 -6.53 -3.95
C GLY B 225 19.60 -7.40 -2.77
N LEU B 226 19.93 -8.66 -3.02
CA LEU B 226 20.46 -9.53 -1.94
C LEU B 226 21.76 -8.97 -1.35
N ALA B 227 22.72 -8.64 -2.22
CA ALA B 227 23.98 -7.99 -1.81
C ALA B 227 23.67 -6.74 -1.01
N PHE B 228 22.75 -5.92 -1.56
CA PHE B 228 22.36 -4.65 -0.98
C PHE B 228 21.87 -4.83 0.45
N GLN B 229 20.96 -5.78 0.64
CA GLN B 229 20.35 -5.98 1.97
C GLN B 229 21.33 -6.59 2.98
N LEU B 230 22.14 -7.54 2.54
CA LEU B 230 23.25 -8.07 3.36
C LEU B 230 24.17 -6.95 3.85
N ALA B 231 24.59 -6.06 2.94
CA ALA B 231 25.37 -4.89 3.32
C ALA B 231 24.62 -3.97 4.27
N ASP B 232 23.32 -3.77 4.03
CA ASP B 232 22.48 -2.97 4.91
C ASP B 232 22.42 -3.56 6.31
N ASP B 233 22.25 -4.89 6.39
CA ASP B 233 22.23 -5.59 7.66
C ASP B 233 23.57 -5.47 8.41
N ALA B 234 24.68 -5.57 7.69
CA ALA B 234 26.01 -5.37 8.27
C ALA B 234 26.21 -3.92 8.74
N LEU B 235 25.77 -2.97 7.91
CA LEU B 235 25.80 -1.54 8.26
C LEU B 235 25.01 -1.20 9.52
N ASP B 236 23.99 -1.99 9.84
CA ASP B 236 23.20 -1.76 11.04
C ASP B 236 24.03 -1.89 12.31
N TYR B 237 25.02 -2.79 12.29
CA TYR B 237 25.93 -2.94 13.41
C TYR B 237 27.17 -2.06 13.24
N GLY B 238 27.76 -2.06 12.06
CA GLY B 238 29.04 -1.41 11.81
C GLY B 238 29.05 0.03 11.33
N GLY B 239 27.90 0.58 10.97
CA GLY B 239 27.82 1.95 10.43
C GLY B 239 27.62 3.03 11.49
N ALA B 240 27.83 4.28 11.09
CA ALA B 240 27.53 5.41 11.97
C ALA B 240 26.22 6.05 11.58
N THR B 241 25.43 6.37 12.59
CA THR B 241 24.11 6.98 12.45
C THR B 241 24.13 8.21 11.56
N GLU B 242 25.19 8.99 11.69
CA GLU B 242 25.34 10.24 10.96
C GLU B 242 25.57 10.05 9.46
N THR B 243 26.23 8.96 9.07
CA THR B 243 26.40 8.69 7.64
CA THR B 243 26.42 8.65 7.65
C THR B 243 25.22 7.87 7.09
N LEU B 244 24.69 6.94 7.89
CA LEU B 244 23.53 6.11 7.53
C LEU B 244 22.20 6.86 7.40
N GLY B 245 22.03 7.93 8.18
CA GLY B 245 20.79 8.71 8.18
C GLY B 245 19.68 8.04 8.98
N LYS B 246 20.01 6.90 9.58
CA LYS B 246 19.07 6.15 10.42
C LYS B 246 19.91 5.58 11.56
N ASN B 247 19.27 5.24 12.68
CA ASN B 247 19.96 4.72 13.86
C ASN B 247 20.60 3.35 13.66
N ALA B 248 21.93 3.31 13.79
CA ALA B 248 22.66 2.06 13.95
C ALA B 248 22.11 1.33 15.15
N GLY B 249 21.86 0.03 15.03
CA GLY B 249 21.34 -0.76 16.15
C GLY B 249 19.83 -0.92 16.24
N ASP B 250 19.10 -0.39 15.25
CA ASP B 250 17.65 -0.62 15.18
C ASP B 250 17.27 -2.11 15.21
N ASP B 251 17.95 -2.95 14.44
CA ASP B 251 17.67 -4.41 14.41
C ASP B 251 17.87 -5.00 15.80
N PHE B 252 19.03 -4.73 16.40
CA PHE B 252 19.35 -5.22 17.74
C PHE B 252 18.32 -4.76 18.78
N ARG B 253 18.04 -3.46 18.82
CA ARG B 253 17.04 -2.93 19.74
C ARG B 253 15.58 -3.38 19.48
N GLU B 254 15.26 -3.77 18.24
CA GLU B 254 13.95 -4.37 17.90
C GLU B 254 13.89 -5.87 18.27
N GLY B 255 15.04 -6.45 18.56
CA GLY B 255 15.13 -7.90 18.82
C GLY B 255 15.02 -8.68 17.52
N LYS B 256 15.47 -8.05 16.45
CA LYS B 256 15.39 -8.60 15.10
C LYS B 256 16.69 -9.30 14.72
N ALA B 257 16.60 -10.61 14.53
CA ALA B 257 17.73 -11.42 14.12
C ALA B 257 17.98 -11.24 12.63
N THR B 258 19.22 -10.89 12.33
CA THR B 258 19.68 -10.83 10.97
C THR B 258 20.94 -11.67 10.93
N LEU B 259 21.40 -11.97 9.73
CA LEU B 259 22.59 -12.78 9.53
C LEU B 259 23.85 -12.39 10.36
N PRO B 260 24.23 -11.08 10.43
CA PRO B 260 25.43 -10.80 11.24
C PRO B 260 25.31 -11.33 12.68
N LEU B 261 24.14 -11.15 13.27
CA LEU B 261 23.83 -11.66 14.61
C LEU B 261 23.85 -13.19 14.69
N LEU B 262 23.21 -13.83 13.71
CA LEU B 262 23.15 -15.28 13.63
C LEU B 262 24.54 -15.91 13.51
N LEU B 263 25.38 -15.32 12.66
CA LEU B 263 26.72 -15.81 12.42
C LEU B 263 27.58 -15.62 13.66
N ALA B 264 27.46 -14.45 14.31
CA ALA B 264 28.17 -14.15 15.55
C ALA B 264 27.82 -15.09 16.69
N ILE B 265 26.52 -15.36 16.85
CA ILE B 265 26.04 -16.36 17.81
C ILE B 265 26.72 -17.71 17.55
N ALA B 266 26.83 -18.09 16.28
CA ALA B 266 27.46 -19.34 15.87
C ALA B 266 28.97 -19.42 16.15
N ARG B 267 29.68 -18.29 16.11
CA ARG B 267 31.11 -18.29 16.47
C ARG B 267 31.34 -18.14 17.97
N SER B 268 30.33 -17.63 18.70
CA SER B 268 30.48 -17.19 20.11
C SER B 268 30.70 -18.27 21.16
N GLY B 269 30.39 -19.52 20.80
CA GLY B 269 30.53 -20.65 21.72
C GLY B 269 29.44 -20.68 22.78
N PRO B 270 29.63 -21.50 23.83
CA PRO B 270 28.61 -21.65 24.87
C PRO B 270 28.52 -20.47 25.84
N ARG B 271 29.58 -19.67 25.93
CA ARG B 271 29.73 -18.67 26.98
C ARG B 271 28.80 -17.45 26.85
N GLU B 272 28.32 -17.17 25.65
CA GLU B 272 27.52 -15.96 25.38
C GLU B 272 26.01 -16.21 25.25
N ALA B 273 25.61 -17.47 25.29
CA ALA B 273 24.23 -17.89 25.01
C ALA B 273 23.14 -17.19 25.84
N GLU B 274 23.41 -16.98 27.13
CA GLU B 274 22.47 -16.31 28.02
C GLU B 274 22.37 -14.79 27.80
N PHE B 275 23.40 -14.19 27.19
CA PHE B 275 23.38 -12.77 26.83
C PHE B 275 22.39 -12.51 25.69
N TRP B 276 22.48 -13.32 24.63
CA TRP B 276 21.59 -13.22 23.48
C TRP B 276 20.15 -13.51 23.90
N GLU B 277 19.97 -14.59 24.67
CA GLU B 277 18.67 -15.02 25.20
C GLU B 277 17.92 -13.91 25.93
N ARG B 278 18.65 -13.17 26.77
CA ARG B 278 18.11 -12.02 27.49
C ARG B 278 17.80 -10.87 26.54
N ALA B 279 18.79 -10.49 25.74
CA ALA B 279 18.72 -9.31 24.88
C ALA B 279 17.79 -9.45 23.68
N ILE B 280 17.66 -10.67 23.14
CA ILE B 280 16.91 -10.90 21.90
C ILE B 280 15.64 -11.73 22.11
N GLY B 281 15.79 -12.89 22.75
CA GLY B 281 14.70 -13.83 22.98
C GLY B 281 13.65 -13.29 23.94
N ARG B 282 14.11 -12.79 25.08
CA ARG B 282 13.22 -12.14 26.05
C ARG B 282 13.18 -10.62 25.82
N ARG B 283 14.18 -10.13 25.08
CA ARG B 283 14.29 -8.72 24.63
C ARG B 283 14.45 -7.67 25.75
N GLU B 284 15.23 -8.03 26.77
CA GLU B 284 15.51 -7.16 27.92
C GLU B 284 16.83 -6.45 27.70
N GLN B 285 16.79 -5.11 27.65
CA GLN B 285 17.93 -4.34 27.12
C GLN B 285 18.24 -2.98 27.78
N THR B 286 19.50 -2.58 27.65
CA THR B 286 19.96 -1.21 27.83
C THR B 286 20.75 -0.82 26.58
N GLU B 287 21.34 0.37 26.60
CA GLU B 287 22.21 0.83 25.52
C GLU B 287 23.54 0.08 25.51
N ALA B 288 23.98 -0.35 26.69
CA ALA B 288 25.23 -1.10 26.87
C ALA B 288 25.23 -2.46 26.19
N ASP B 289 24.04 -3.07 26.10
CA ASP B 289 23.85 -4.35 25.40
C ASP B 289 24.20 -4.23 23.90
N PHE B 290 23.87 -3.09 23.28
CA PHE B 290 24.20 -2.86 21.87
C PHE B 290 25.70 -2.76 21.62
N ARG B 291 26.40 -2.00 22.45
CA ARG B 291 27.87 -1.87 22.35
C ARG B 291 28.56 -3.22 22.50
N ARG B 292 28.07 -4.05 23.41
CA ARG B 292 28.57 -5.41 23.59
C ARG B 292 28.32 -6.29 22.35
N ALA B 293 27.13 -6.17 21.76
CA ALA B 293 26.76 -6.91 20.56
C ALA B 293 27.58 -6.50 19.33
N ARG B 294 27.70 -5.18 19.11
CA ARG B 294 28.49 -4.60 18.04
C ARG B 294 29.94 -5.09 18.05
N GLU B 295 30.54 -5.17 19.24
CA GLU B 295 31.91 -5.67 19.39
C GLU B 295 32.03 -7.16 19.05
N LEU B 296 31.08 -7.96 19.56
CA LEU B 296 31.03 -9.40 19.30
C LEU B 296 30.71 -9.76 17.85
N ILE B 297 30.07 -8.84 17.11
CA ILE B 297 29.78 -9.06 15.70
C ILE B 297 30.98 -8.71 14.80
N ILE B 298 31.70 -7.63 15.13
CA ILE B 298 32.91 -7.26 14.39
C ILE B 298 34.01 -8.28 14.67
N GLY B 299 34.35 -8.45 15.94
CA GLY B 299 35.45 -9.30 16.38
C GLY B 299 35.39 -10.76 15.97
N SER B 300 34.19 -11.34 16.00
CA SER B 300 34.01 -12.73 15.58
C SER B 300 34.10 -12.91 14.05
N GLY B 301 34.29 -11.80 13.33
CA GLY B 301 34.38 -11.83 11.86
C GLY B 301 33.02 -12.01 11.18
N ALA B 302 31.96 -11.85 11.97
CA ALA B 302 30.59 -12.08 11.50
C ALA B 302 30.14 -11.01 10.54
N LEU B 303 30.57 -9.77 10.79
CA LEU B 303 30.40 -8.67 9.86
C LEU B 303 31.11 -8.98 8.53
N ASP B 304 32.35 -9.47 8.61
CA ASP B 304 33.11 -9.76 7.39
C ASP B 304 32.51 -10.87 6.55
N ALA B 305 32.05 -11.93 7.22
CA ALA B 305 31.42 -13.08 6.55
C ALA B 305 30.11 -12.69 5.83
N THR B 306 29.32 -11.79 6.43
CA THR B 306 28.13 -11.20 5.82
C THR B 306 28.46 -10.49 4.50
N LEU B 307 29.50 -9.65 4.55
CA LEU B 307 29.97 -8.92 3.37
C LEU B 307 30.62 -9.81 2.31
N ASP B 308 31.23 -10.93 2.74
CA ASP B 308 31.71 -11.97 1.79
C ASP B 308 30.57 -12.56 0.99
N LEU B 309 29.46 -12.81 1.69
CA LEU B 309 28.27 -13.33 1.03
C LEU B 309 27.66 -12.25 0.13
N ALA B 310 27.62 -11.02 0.61
CA ALA B 310 27.15 -9.89 -0.20
C ALA B 310 27.95 -9.77 -1.51
N ALA B 311 29.28 -9.85 -1.40
CA ALA B 311 30.16 -9.80 -2.57
C ALA B 311 29.89 -10.96 -3.54
N ASP B 312 29.55 -12.14 -3.02
CA ASP B 312 29.13 -13.29 -3.84
C ASP B 312 27.89 -12.98 -4.67
N TYR B 313 26.91 -12.34 -4.05
CA TYR B 313 25.71 -11.90 -4.75
C TYR B 313 26.03 -10.79 -5.75
N ALA B 314 26.93 -9.88 -5.39
CA ALA B 314 27.36 -8.83 -6.33
C ALA B 314 28.04 -9.39 -7.59
N ASP B 315 28.84 -10.45 -7.43
CA ASP B 315 29.44 -11.17 -8.58
C ASP B 315 28.39 -11.77 -9.47
N LYS B 316 27.37 -12.35 -8.85
CA LYS B 316 26.23 -12.94 -9.58
CA LYS B 316 26.26 -12.93 -9.60
C LYS B 316 25.50 -11.83 -10.36
N ALA B 317 25.31 -10.66 -9.72
CA ALA B 317 24.68 -9.52 -10.41
C ALA B 317 25.49 -9.08 -11.65
N LYS B 318 26.81 -8.96 -11.49
CA LYS B 318 27.67 -8.59 -12.60
C LYS B 318 27.65 -9.65 -13.72
N ALA B 319 27.67 -10.92 -13.35
CA ALA B 319 27.64 -12.01 -14.32
C ALA B 319 26.30 -12.10 -15.02
N ALA B 320 25.22 -11.73 -14.34
CA ALA B 320 23.89 -11.66 -14.97
C ALA B 320 23.80 -10.77 -16.24
N LEU B 321 24.70 -9.80 -16.36
CA LEU B 321 24.71 -8.88 -17.52
C LEU B 321 25.58 -9.30 -18.72
N ALA B 322 26.21 -10.48 -18.61
CA ALA B 322 27.13 -11.00 -19.62
C ALA B 322 26.68 -10.90 -21.07
N MET B 323 25.38 -11.11 -21.32
CA MET B 323 24.84 -11.07 -22.69
C MET B 323 24.79 -9.66 -23.28
N PHE B 324 24.95 -8.64 -22.45
CA PHE B 324 24.86 -7.27 -22.94
C PHE B 324 26.21 -6.81 -23.49
N PRO B 325 26.20 -5.89 -24.47
CA PRO B 325 27.44 -5.23 -24.91
C PRO B 325 28.14 -4.52 -23.76
N ALA B 326 29.46 -4.55 -23.77
CA ALA B 326 30.24 -3.91 -22.74
C ALA B 326 30.30 -2.40 -23.00
N ASN B 327 29.17 -1.71 -22.74
CA ASN B 327 29.08 -0.26 -22.92
C ASN B 327 29.10 0.48 -21.58
N ASP B 328 28.82 1.77 -21.59
CA ASP B 328 28.85 2.59 -20.37
C ASP B 328 27.75 2.24 -19.38
N TRP B 329 26.56 1.95 -19.89
CA TRP B 329 25.42 1.56 -19.07
C TRP B 329 25.75 0.27 -18.34
N ARG B 330 26.28 -0.71 -19.08
CA ARG B 330 26.69 -1.97 -18.45
C ARG B 330 27.78 -1.80 -17.37
N GLU B 331 28.81 -1.02 -17.68
CA GLU B 331 29.83 -0.69 -16.69
C GLU B 331 29.31 0.04 -15.45
N ALA B 332 28.37 0.96 -15.65
CA ALA B 332 27.69 1.66 -14.54
C ALA B 332 26.96 0.68 -13.62
N LEU B 333 26.31 -0.31 -14.22
CA LEU B 333 25.59 -1.33 -13.42
C LEU B 333 26.54 -2.31 -12.72
N GLU B 334 27.70 -2.53 -13.32
CA GLU B 334 28.71 -3.34 -12.63
C GLU B 334 29.32 -2.59 -11.47
N GLU B 335 29.52 -1.28 -11.65
CA GLU B 335 30.08 -0.48 -10.57
C GLU B 335 29.08 -0.33 -9.43
N LEU B 336 27.79 -0.31 -9.76
CA LEU B 336 26.74 -0.27 -8.73
C LEU B 336 26.70 -1.54 -7.89
N ALA B 337 26.92 -2.68 -8.54
CA ALA B 337 26.99 -3.98 -7.85
C ALA B 337 28.08 -4.00 -6.76
N ASP B 338 29.26 -3.48 -7.08
CA ASP B 338 30.35 -3.33 -6.11
C ASP B 338 30.03 -2.32 -5.05
N PHE B 339 29.36 -1.24 -5.48
CA PHE B 339 28.95 -0.19 -4.56
C PHE B 339 27.95 -0.70 -3.53
N ALA B 340 27.00 -1.55 -3.96
CA ALA B 340 26.06 -2.18 -3.02
C ALA B 340 26.75 -2.81 -1.81
N VAL B 341 27.89 -3.47 -2.04
CA VAL B 341 28.68 -4.12 -0.99
C VAL B 341 29.60 -3.13 -0.25
N SER B 342 30.24 -2.22 -0.99
CA SER B 342 31.26 -1.34 -0.39
C SER B 342 30.74 -0.10 0.37
N ARG B 343 29.54 0.36 0.02
CA ARG B 343 28.94 1.60 0.58
C ARG B 343 28.91 1.70 2.11
N ARG B 344 28.88 2.94 2.58
CA ARG B 344 28.78 3.25 4.01
C ARG B 344 27.39 3.75 4.38
N ALA B 345 26.54 3.97 3.37
CA ALA B 345 25.16 4.44 3.58
C ALA B 345 24.22 3.98 2.46
#